data_3KB7
#
_entry.id   3KB7
#
_cell.length_a   67.352
_cell.length_b   67.352
_cell.length_c   154.109
_cell.angle_alpha   90.00
_cell.angle_beta   90.00
_cell.angle_gamma   120.00
#
_symmetry.space_group_name_H-M   'P 32 2 1'
#
loop_
_entity.id
_entity.type
_entity.pdbx_description
1 polymer 'Serine/threonine-protein kinase PLK1'
2 non-polymer 8-{[2-methoxy-5-(4-methylpiperazin-1-yl)phenyl]amino}-1-methyl-4,5-dihydro-1H-pyrazolo[4,3-h]quinazoline-3-carboxamide
3 non-polymer 'ZINC ION'
4 non-polymer 'L(+)-TARTARIC ACID'
5 water water
#
_entity_poly.entity_id   1
_entity_poly.type   'polypeptide(L)'
_entity_poly.pdbx_seq_one_letter_code
;GPAKEIPEVLVDPRSRRRYVRGRFLGKGGFAKCFEISDADTKEVFAGKIVPKSLLLKPHQREKMSMEISIHRSLAHQHVV
GFHGFFEDNDFVFVVLELCRRRSLLELHKRRKALTEPEARYYLRQIVLGCQYLHRNRVIHRDLKLGNLFLNEDLEVKIGD
FGLATKVEYDGERKKTLCGTPNYIAPEVLSKKGHSFEVDVWSIGCIMYTLLVGKPPFETSCLKETYLRIKKNEYSIPKHI
NPVAASLIQKMLQTDPTARPTINELLNDEFFTSGYIPARLPITCLTIPP(NMM)FSIAPSSLDPSNRKPLTVLNK
;
_entity_poly.pdbx_strand_id   A
#
loop_
_chem_comp.id
_chem_comp.type
_chem_comp.name
_chem_comp.formula
071 non-polymer 8-{[2-methoxy-5-(4-methylpiperazin-1-yl)phenyl]amino}-1-methyl-4,5-dihydro-1H-pyrazolo[4,3-h]quinazoline-3-carboxamide 'C23 H28 N8 O2'
TLA non-polymer 'L(+)-TARTARIC ACID' 'C4 H6 O6'
ZN non-polymer 'ZINC ION' 'Zn 2'
#
# COMPACT_ATOMS: atom_id res chain seq x y z
N GLU A 5 -10.02 -16.16 21.84
CA GLU A 5 -11.47 -16.26 21.48
C GLU A 5 -11.78 -16.41 19.99
N ILE A 6 -10.88 -15.95 19.11
CA ILE A 6 -11.14 -16.04 17.64
C ILE A 6 -11.42 -17.49 17.30
N PRO A 7 -12.59 -17.78 16.67
CA PRO A 7 -12.96 -19.17 16.39
C PRO A 7 -12.01 -19.83 15.39
N GLU A 8 -11.78 -21.12 15.57
CA GLU A 8 -10.93 -21.90 14.67
C GLU A 8 -11.52 -21.97 13.26
N VAL A 9 -12.84 -21.88 13.16
CA VAL A 9 -13.55 -22.10 11.88
C VAL A 9 -14.60 -21.02 11.55
N LEU A 10 -14.28 -20.18 10.58
CA LEU A 10 -15.09 -19.02 10.27
C LEU A 10 -16.28 -19.38 9.38
N VAL A 11 -17.48 -19.12 9.90
CA VAL A 11 -18.70 -19.51 9.22
C VAL A 11 -19.47 -18.30 8.68
N ASP A 12 -19.66 -18.27 7.38
CA ASP A 12 -20.59 -17.33 6.80
C ASP A 12 -21.97 -18.00 6.64
N PRO A 13 -22.98 -17.54 7.43
CA PRO A 13 -24.36 -17.83 7.02
C PRO A 13 -24.63 -16.98 5.80
N ARG A 14 -25.51 -17.41 4.92
CA ARG A 14 -25.88 -16.62 3.72
C ARG A 14 -25.13 -17.09 2.49
N SER A 15 -23.84 -17.41 2.68
CA SER A 15 -23.06 -18.02 1.60
C SER A 15 -22.77 -19.48 1.91
N ARG A 16 -23.08 -19.91 3.14
CA ARG A 16 -22.88 -21.29 3.65
C ARG A 16 -21.41 -21.64 3.95
N ARG A 17 -20.49 -20.76 3.55
CA ARG A 17 -19.06 -21.07 3.52
C ARG A 17 -18.38 -21.19 4.88
N ARG A 18 -17.48 -22.15 4.99
CA ARG A 18 -16.65 -22.31 6.17
C ARG A 18 -15.17 -22.17 5.77
N TYR A 19 -14.38 -21.60 6.68
CA TYR A 19 -12.94 -21.39 6.47
C TYR A 19 -12.20 -21.86 7.69
N VAL A 20 -11.19 -22.70 7.48
CA VAL A 20 -10.36 -23.14 8.59
C VAL A 20 -9.36 -22.02 8.85
N ARG A 21 -9.23 -21.61 10.11
CA ARG A 21 -8.26 -20.58 10.47
C ARG A 21 -6.88 -21.23 10.47
N GLY A 22 -5.90 -20.52 9.93
CA GLY A 22 -4.59 -21.11 9.73
C GLY A 22 -3.47 -20.26 10.26
N ARG A 23 -2.40 -20.20 9.50
CA ARG A 23 -1.18 -19.51 9.87
C ARG A 23 -1.41 -18.00 10.07
N PHE A 24 -0.92 -17.46 11.18
CA PHE A 24 -0.86 -16.02 11.40
C PHE A 24 0.07 -15.30 10.41
N LEU A 25 -0.45 -14.26 9.75
CA LEU A 25 0.35 -13.44 8.84
C LEU A 25 0.96 -12.17 9.46
N GLY A 26 0.13 -11.25 9.93
CA GLY A 26 0.58 -9.97 10.53
C GLY A 26 -0.53 -9.27 11.30
N LYS A 27 -0.22 -8.14 11.93
CA LYS A 27 -1.24 -7.44 12.71
C LYS A 27 -1.12 -5.93 12.53
N GLY A 28 -2.22 -5.20 12.78
CA GLY A 28 -2.21 -3.74 12.66
C GLY A 28 -3.54 -3.07 12.94
N GLY A 29 -3.48 -1.89 13.57
CA GLY A 29 -4.67 -1.23 14.07
C GLY A 29 -5.55 -2.21 14.84
N PHE A 30 -6.80 -2.35 14.41
CA PHE A 30 -7.74 -3.21 15.11
C PHE A 30 -7.66 -4.67 14.66
N ALA A 31 -6.85 -4.97 13.65
CA ALA A 31 -7.01 -6.24 12.94
C ALA A 31 -5.84 -7.21 13.08
N LYS A 32 -6.14 -8.47 12.82
CA LYS A 32 -5.17 -9.53 12.75
C LYS A 32 -5.51 -10.31 11.48
N CYS A 33 -4.48 -10.76 10.75
CA CYS A 33 -4.69 -11.55 9.53
C CYS A 33 -4.11 -12.94 9.57
N PHE A 34 -4.89 -13.89 9.09
CA PHE A 34 -4.50 -15.30 9.02
C PHE A 34 -4.73 -15.83 7.63
N GLU A 35 -3.97 -16.88 7.32
CA GLU A 35 -4.24 -17.74 6.19
C GLU A 35 -5.51 -18.50 6.53
N ILE A 36 -6.45 -18.51 5.62
CA ILE A 36 -7.68 -19.25 5.84
C ILE A 36 -7.95 -20.05 4.58
N SER A 37 -8.47 -21.25 4.76
CA SER A 37 -8.87 -22.03 3.59
C SER A 37 -10.31 -22.45 3.71
N ASP A 38 -11.00 -22.30 2.59
CA ASP A 38 -12.35 -22.76 2.42
C ASP A 38 -12.42 -24.27 2.66
N ALA A 39 -13.26 -24.67 3.61
CA ALA A 39 -13.42 -26.09 3.96
C ALA A 39 -13.91 -26.97 2.82
N ASP A 40 -14.53 -26.37 1.78
CA ASP A 40 -15.14 -27.11 0.66
C ASP A 40 -14.25 -27.15 -0.62
N THR A 41 -14.14 -26.04 -1.34
CA THR A 41 -13.31 -25.98 -2.57
C THR A 41 -11.82 -26.06 -2.25
N LYS A 42 -11.49 -25.87 -0.97
CA LYS A 42 -10.11 -25.92 -0.47
C LYS A 42 -9.27 -24.70 -0.85
N GLU A 43 -9.86 -23.81 -1.65
CA GLU A 43 -9.21 -22.57 -2.05
C GLU A 43 -8.75 -21.72 -0.85
N VAL A 44 -7.60 -21.07 -1.01
CA VAL A 44 -6.91 -20.40 0.11
C VAL A 44 -6.99 -18.87 -0.01
N PHE A 45 -7.08 -18.20 1.13
CA PHE A 45 -7.35 -16.76 1.18
C PHE A 45 -6.64 -16.13 2.37
N ALA A 46 -6.69 -14.81 2.47
CA ALA A 46 -6.30 -14.13 3.72
C ALA A 46 -7.55 -13.58 4.41
N GLY A 47 -7.67 -13.84 5.71
CA GLY A 47 -8.81 -13.36 6.52
C GLY A 47 -8.43 -12.24 7.46
N LYS A 48 -8.97 -11.03 7.24
CA LYS A 48 -8.72 -9.90 8.12
C LYS A 48 -9.81 -9.91 9.21
N ILE A 49 -9.40 -9.97 10.46
CA ILE A 49 -10.33 -10.27 11.54
C ILE A 49 -10.34 -9.16 12.57
N VAL A 50 -11.47 -8.46 12.67
CA VAL A 50 -11.55 -7.36 13.65
C VAL A 50 -12.50 -7.72 14.80
N PRO A 51 -11.98 -7.72 16.03
CA PRO A 51 -12.81 -7.96 17.19
C PRO A 51 -13.82 -6.81 17.43
N LYS A 52 -15.09 -7.16 17.56
CA LYS A 52 -16.12 -6.15 17.88
C LYS A 52 -15.95 -5.39 19.23
N SER A 53 -15.12 -5.92 20.11
CA SER A 53 -14.86 -5.29 21.41
C SER A 53 -14.03 -4.03 21.26
N LEU A 54 -13.51 -3.83 20.05
CA LEU A 54 -12.63 -2.71 19.76
C LEU A 54 -13.36 -1.72 18.89
N LEU A 55 -14.61 -2.06 18.57
CA LEU A 55 -15.47 -1.28 17.70
C LEU A 55 -16.77 -0.88 18.41
N LEU A 56 -16.63 -0.55 19.70
CA LEU A 56 -17.79 -0.20 20.55
C LEU A 56 -18.32 1.18 20.25
N LYS A 57 -17.41 2.13 20.01
CA LYS A 57 -17.76 3.50 19.61
C LYS A 57 -18.13 3.55 18.16
N PRO A 58 -19.29 4.15 17.81
CA PRO A 58 -19.71 4.27 16.40
C PRO A 58 -18.63 4.74 15.41
N HIS A 59 -17.78 5.66 15.85
CA HIS A 59 -16.74 6.25 14.98
C HIS A 59 -15.75 5.18 14.44
N GLN A 60 -15.30 4.30 15.34
CA GLN A 60 -14.49 3.15 14.94
C GLN A 60 -15.28 2.21 14.01
N ARG A 61 -16.53 1.93 14.34
CA ARG A 61 -17.37 1.11 13.48
C ARG A 61 -17.44 1.65 12.06
N GLU A 62 -17.64 2.96 11.93
CA GLU A 62 -17.83 3.61 10.65
C GLU A 62 -16.58 3.56 9.78
N LYS A 63 -15.42 3.56 10.43
CA LYS A 63 -14.12 3.36 9.78
C LYS A 63 -14.02 1.97 9.17
N MET A 64 -14.36 0.95 9.95
CA MET A 64 -14.36 -0.45 9.51
C MET A 64 -15.31 -0.64 8.33
N SER A 65 -16.45 0.00 8.43
CA SER A 65 -17.51 -0.08 7.46
C SER A 65 -17.10 0.67 6.20
N MET A 66 -16.41 1.78 6.37
CA MET A 66 -15.88 2.52 5.23
C MET A 66 -14.78 1.72 4.48
N GLU A 67 -13.98 0.95 5.22
CA GLU A 67 -12.89 0.18 4.64
C GLU A 67 -13.43 -0.86 3.68
N ILE A 68 -14.61 -1.37 3.98
CA ILE A 68 -15.22 -2.53 3.34
C ILE A 68 -15.97 -2.02 2.16
N SER A 69 -16.76 -0.97 2.38
CA SER A 69 -17.39 -0.20 1.32
C SER A 69 -16.39 0.15 0.19
N ILE A 70 -15.23 0.71 0.55
CA ILE A 70 -14.29 1.14 -0.49
C ILE A 70 -13.63 -0.08 -1.15
N HIS A 71 -13.16 -1.01 -0.32
CA HIS A 71 -12.43 -2.17 -0.79
C HIS A 71 -13.29 -3.11 -1.62
N ARG A 72 -14.52 -3.31 -1.14
CA ARG A 72 -15.60 -4.07 -1.78
C ARG A 72 -15.79 -3.78 -3.27
N SER A 73 -15.68 -2.52 -3.68
CA SER A 73 -16.00 -2.12 -5.05
C SER A 73 -14.80 -2.13 -5.97
N LEU A 74 -13.67 -2.66 -5.51
CA LEU A 74 -12.43 -2.61 -6.27
C LEU A 74 -11.94 -3.95 -6.76
N ALA A 75 -11.72 -4.03 -8.07
CA ALA A 75 -11.09 -5.21 -8.70
C ALA A 75 -10.04 -4.78 -9.72
N HIS A 76 -8.82 -5.22 -9.49
CA HIS A 76 -7.70 -4.86 -10.36
C HIS A 76 -6.51 -5.77 -10.07
N GLN A 77 -5.72 -6.06 -11.11
CA GLN A 77 -4.56 -6.95 -11.03
C GLN A 77 -3.64 -6.62 -9.84
N HIS A 78 -3.47 -5.31 -9.60
CA HIS A 78 -2.52 -4.81 -8.59
C HIS A 78 -3.12 -4.17 -7.33
N VAL A 79 -4.28 -4.67 -6.90
CA VAL A 79 -4.94 -4.25 -5.66
C VAL A 79 -5.40 -5.56 -5.06
N VAL A 80 -5.20 -5.76 -3.77
CA VAL A 80 -5.59 -6.98 -3.10
C VAL A 80 -7.08 -7.19 -3.35
N GLY A 81 -7.42 -8.21 -4.15
CA GLY A 81 -8.83 -8.62 -4.39
C GLY A 81 -9.70 -8.84 -3.15
N PHE A 82 -10.95 -8.39 -3.23
CA PHE A 82 -11.91 -8.58 -2.13
C PHE A 82 -12.80 -9.77 -2.42
N HIS A 83 -12.80 -10.77 -1.55
CA HIS A 83 -13.69 -11.90 -1.81
C HIS A 83 -14.87 -12.06 -0.83
N GLY A 84 -15.17 -11.03 -0.04
CA GLY A 84 -16.34 -11.10 0.81
C GLY A 84 -16.05 -10.74 2.24
N PHE A 85 -17.11 -10.65 3.01
CA PHE A 85 -17.03 -10.34 4.43
C PHE A 85 -18.29 -10.81 5.08
N PHE A 86 -18.22 -10.93 6.39
CA PHE A 86 -19.33 -11.41 7.18
C PHE A 86 -18.90 -11.24 8.63
N GLU A 87 -19.84 -11.44 9.55
CA GLU A 87 -19.55 -11.26 10.96
C GLU A 87 -20.30 -12.27 11.81
N ASP A 88 -19.86 -12.45 13.05
CA ASP A 88 -20.64 -13.17 14.05
C ASP A 88 -20.90 -12.16 15.19
N ASN A 89 -21.17 -12.63 16.41
CA ASN A 89 -21.40 -11.67 17.49
C ASN A 89 -20.15 -11.00 18.05
N ASP A 90 -18.99 -11.59 17.82
CA ASP A 90 -17.76 -11.06 18.44
C ASP A 90 -16.74 -10.48 17.46
N PHE A 91 -16.76 -10.94 16.22
CA PHE A 91 -15.78 -10.51 15.20
C PHE A 91 -16.40 -10.08 13.88
N VAL A 92 -15.62 -9.29 13.15
CA VAL A 92 -15.85 -9.03 11.74
C VAL A 92 -14.81 -9.79 10.96
N PHE A 93 -15.23 -10.44 9.89
CA PHE A 93 -14.31 -11.20 9.05
C PHE A 93 -14.27 -10.66 7.60
N VAL A 94 -13.07 -10.36 7.10
CA VAL A 94 -12.91 -9.96 5.70
C VAL A 94 -12.00 -10.96 4.99
N VAL A 95 -12.49 -11.51 3.89
CA VAL A 95 -11.84 -12.58 3.14
C VAL A 95 -11.15 -11.96 1.91
N LEU A 96 -9.80 -12.02 1.90
CA LEU A 96 -9.02 -11.33 0.85
C LEU A 96 -8.11 -12.28 0.09
N GLU A 97 -7.61 -11.80 -1.05
CA GLU A 97 -6.64 -12.53 -1.88
C GLU A 97 -5.34 -12.73 -1.10
N LEU A 98 -4.91 -13.98 -0.93
CA LEU A 98 -3.67 -14.24 -0.23
C LEU A 98 -2.45 -13.88 -1.13
N CYS A 99 -1.50 -13.17 -0.55
CA CYS A 99 -0.25 -12.80 -1.22
C CYS A 99 0.89 -13.53 -0.52
N ARG A 100 1.28 -14.68 -1.08
CA ARG A 100 2.17 -15.60 -0.39
C ARG A 100 3.59 -15.09 -0.08
N ARG A 101 4.01 -14.05 -0.78
CA ARG A 101 5.35 -13.50 -0.61
C ARG A 101 5.37 -12.21 0.19
N ARG A 102 4.41 -12.11 1.11
CA ARG A 102 4.40 -11.05 2.10
C ARG A 102 4.26 -9.67 1.45
N SER A 103 5.13 -8.72 1.80
CA SER A 103 5.09 -7.35 1.25
C SER A 103 6.47 -6.73 0.93
N LEU A 104 6.46 -5.55 0.31
CA LEU A 104 7.70 -4.85 0.06
C LEU A 104 8.50 -4.56 1.31
N LEU A 105 7.80 -4.41 2.45
CA LEU A 105 8.52 -4.10 3.67
C LEU A 105 9.53 -5.21 4.00
N GLU A 106 9.12 -6.47 3.84
CA GLU A 106 10.01 -7.59 4.18
C GLU A 106 11.13 -7.75 3.18
N LEU A 107 10.82 -7.50 1.90
CA LEU A 107 11.83 -7.41 0.88
C LEU A 107 12.84 -6.32 1.21
N HIS A 108 12.35 -5.15 1.60
CA HIS A 108 13.23 -4.04 1.95
C HIS A 108 14.14 -4.29 3.15
N LYS A 109 13.64 -5.04 4.14
CA LYS A 109 14.43 -5.36 5.35
C LYS A 109 15.55 -6.36 5.02
N ARG A 110 15.37 -7.12 3.95
CA ARG A 110 16.35 -8.13 3.58
C ARG A 110 17.41 -7.55 2.64
N ARG A 111 16.97 -6.82 1.59
CA ARG A 111 17.79 -6.35 0.46
C ARG A 111 18.25 -4.87 0.51
N LYS A 112 17.67 -4.09 1.41
CA LYS A 112 18.01 -2.67 1.45
C LYS A 112 17.80 -2.05 0.05
N ALA A 113 18.62 -1.07 -0.34
CA ALA A 113 18.56 -0.53 -1.71
C ALA A 113 18.45 -1.63 -2.79
N LEU A 114 17.47 -1.44 -3.68
CA LEU A 114 17.18 -2.40 -4.74
C LEU A 114 17.94 -1.98 -5.96
N THR A 115 18.12 -2.90 -6.92
CA THR A 115 18.75 -2.49 -8.17
C THR A 115 17.72 -1.68 -8.89
N GLU A 116 18.20 -0.69 -9.64
CA GLU A 116 17.35 0.16 -10.44
C GLU A 116 16.26 -0.57 -11.29
N PRO A 117 16.63 -1.65 -12.01
CA PRO A 117 15.55 -2.31 -12.79
C PRO A 117 14.43 -2.93 -11.93
N GLU A 118 14.79 -3.43 -10.75
CA GLU A 118 13.77 -3.87 -9.79
C GLU A 118 12.80 -2.75 -9.36
N ALA A 119 13.36 -1.61 -8.96
CA ALA A 119 12.54 -0.48 -8.54
C ALA A 119 11.56 -0.09 -9.64
N ARG A 120 12.02 -0.13 -10.89
CA ARG A 120 11.13 0.16 -12.01
C ARG A 120 10.01 -0.85 -12.07
N TYR A 121 10.36 -2.10 -11.84
CA TYR A 121 9.41 -3.19 -11.92
C TYR A 121 8.27 -2.89 -10.93
N TYR A 122 8.65 -2.78 -9.66
CA TYR A 122 7.73 -2.60 -8.57
C TYR A 122 7.02 -1.28 -8.65
N LEU A 123 7.76 -0.18 -8.82
CA LEU A 123 7.16 1.14 -8.96
C LEU A 123 6.07 1.19 -10.02
N ARG A 124 6.32 0.57 -11.18
CA ARG A 124 5.32 0.49 -12.25
C ARG A 124 3.99 -0.13 -11.83
N GLN A 125 4.06 -1.28 -11.16
CA GLN A 125 2.86 -1.96 -10.72
C GLN A 125 2.16 -1.18 -9.61
N ILE A 126 2.96 -0.54 -8.75
CA ILE A 126 2.43 0.31 -7.71
C ILE A 126 1.64 1.43 -8.40
N VAL A 127 2.30 2.11 -9.35
CA VAL A 127 1.66 3.19 -10.08
C VAL A 127 0.41 2.70 -10.81
N LEU A 128 0.52 1.53 -11.45
CA LEU A 128 -0.64 0.97 -12.17
C LEU A 128 -1.87 0.78 -11.25
N GLY A 129 -1.75 0.01 -10.18
CA GLY A 129 -2.80 -0.05 -9.16
C GLY A 129 -3.34 1.32 -8.70
N CYS A 130 -2.44 2.25 -8.47
CA CYS A 130 -2.86 3.55 -7.97
C CYS A 130 -3.57 4.39 -9.06
N GLN A 131 -3.22 4.14 -10.31
CA GLN A 131 -3.86 4.72 -11.49
C GLN A 131 -5.31 4.27 -11.51
N TYR A 132 -5.52 3.01 -11.18
CA TYR A 132 -6.85 2.45 -11.07
C TYR A 132 -7.66 3.07 -9.92
N LEU A 133 -7.00 3.32 -8.79
CA LEU A 133 -7.65 3.87 -7.63
C LEU A 133 -8.07 5.29 -7.95
N HIS A 134 -7.14 6.07 -8.48
CA HIS A 134 -7.44 7.46 -8.79
C HIS A 134 -8.52 7.66 -9.84
N ARG A 135 -8.60 6.80 -10.85
CA ARG A 135 -9.63 6.98 -11.88
C ARG A 135 -11.00 6.56 -11.35
N ASN A 136 -10.99 5.84 -10.23
CA ASN A 136 -12.23 5.45 -9.55
C ASN A 136 -12.50 6.30 -8.31
N ARG A 137 -11.79 7.42 -8.25
CA ARG A 137 -12.00 8.47 -7.27
C ARG A 137 -11.68 8.07 -5.82
N VAL A 138 -10.82 7.07 -5.68
CA VAL A 138 -10.35 6.57 -4.40
C VAL A 138 -8.94 7.09 -4.07
N ILE A 139 -8.75 7.55 -2.83
CA ILE A 139 -7.42 7.93 -2.36
C ILE A 139 -7.01 6.96 -1.29
N HIS A 140 -5.86 6.32 -1.45
CA HIS A 140 -5.40 5.33 -0.50
C HIS A 140 -5.06 6.01 0.81
N ARG A 141 -4.17 7.02 0.73
CA ARG A 141 -3.61 7.82 1.85
C ARG A 141 -2.67 7.11 2.83
N ASP A 142 -2.45 5.82 2.67
CA ASP A 142 -1.37 5.23 3.40
C ASP A 142 -0.52 4.25 2.56
N LEU A 143 -0.08 4.66 1.38
CA LEU A 143 0.82 3.80 0.63
C LEU A 143 2.18 3.74 1.31
N LYS A 144 2.60 2.52 1.64
CA LYS A 144 3.88 2.30 2.28
C LYS A 144 4.36 0.88 1.99
N LEU A 145 5.60 0.58 2.34
CA LEU A 145 6.17 -0.72 2.03
C LEU A 145 5.33 -1.88 2.54
N GLY A 146 4.85 -1.79 3.77
CA GLY A 146 4.05 -2.86 4.38
C GLY A 146 2.63 -3.03 3.86
N ASN A 147 2.10 -2.04 3.12
CA ASN A 147 0.81 -2.12 2.42
C ASN A 147 0.92 -2.55 0.96
N LEU A 148 2.13 -2.75 0.45
CA LEU A 148 2.28 -3.20 -0.92
C LEU A 148 2.73 -4.66 -0.91
N PHE A 149 1.80 -5.55 -1.21
CA PHE A 149 1.94 -6.99 -1.02
C PHE A 149 2.35 -7.71 -2.29
N LEU A 150 3.06 -8.82 -2.13
CA LEU A 150 3.58 -9.56 -3.26
C LEU A 150 2.96 -10.94 -3.34
N ASN A 151 2.35 -11.25 -4.48
CA ASN A 151 1.90 -12.65 -4.67
C ASN A 151 3.06 -13.54 -5.14
N GLU A 152 2.80 -14.84 -5.23
CA GLU A 152 3.81 -15.84 -5.58
C GLU A 152 4.69 -15.49 -6.80
N ASP A 153 4.14 -14.75 -7.77
CA ASP A 153 4.83 -14.28 -8.98
C ASP A 153 5.62 -12.95 -8.77
N LEU A 154 5.73 -12.54 -7.52
CA LEU A 154 6.18 -11.17 -7.16
C LEU A 154 5.40 -10.04 -7.87
N GLU A 155 4.11 -10.21 -7.99
CA GLU A 155 3.29 -9.10 -8.47
C GLU A 155 2.75 -8.29 -7.28
N VAL A 156 2.81 -6.97 -7.40
CA VAL A 156 2.40 -6.06 -6.37
C VAL A 156 0.87 -5.93 -6.29
N LYS A 157 0.38 -5.99 -5.05
CA LYS A 157 -1.04 -5.78 -4.72
C LYS A 157 -1.15 -4.75 -3.61
N ILE A 158 -1.75 -3.61 -3.95
CA ILE A 158 -2.04 -2.55 -3.00
C ILE A 158 -3.07 -3.06 -2.00
N GLY A 159 -2.80 -2.90 -0.73
CA GLY A 159 -3.73 -3.42 0.26
C GLY A 159 -3.99 -2.39 1.31
N ASP A 160 -4.84 -2.77 2.26
CA ASP A 160 -5.18 -1.97 3.45
C ASP A 160 -5.84 -0.65 3.10
N PHE A 161 -7.15 -0.72 3.00
CA PHE A 161 -7.91 0.48 2.71
C PHE A 161 -8.47 1.21 3.95
N GLY A 162 -7.84 1.02 5.09
CA GLY A 162 -8.31 1.52 6.35
C GLY A 162 -8.15 3.03 6.52
N LEU A 163 -7.49 3.68 5.57
CA LEU A 163 -7.34 5.13 5.62
C LEU A 163 -7.81 5.73 4.31
N ALA A 164 -8.32 4.87 3.43
CA ALA A 164 -8.80 5.25 2.12
C ALA A 164 -10.02 6.15 2.22
N THR A 165 -10.21 7.01 1.23
CA THR A 165 -11.36 7.90 1.18
C THR A 165 -11.84 8.11 -0.26
N LYS A 166 -13.15 8.08 -0.47
CA LYS A 166 -13.76 8.36 -1.76
C LYS A 166 -13.94 9.86 -2.02
N VAL A 167 -13.34 10.36 -3.11
CA VAL A 167 -13.58 11.72 -3.58
C VAL A 167 -14.99 11.79 -4.18
N GLU A 168 -15.72 12.84 -3.82
CA GLU A 168 -17.17 12.87 -4.03
C GLU A 168 -17.65 13.84 -5.11
N TYR A 169 -16.82 14.86 -5.38
CA TYR A 169 -17.12 15.86 -6.38
C TYR A 169 -15.81 16.56 -6.76
N ASP A 170 -15.76 17.12 -7.97
CA ASP A 170 -14.56 17.82 -8.49
C ASP A 170 -14.02 18.92 -7.57
N GLY A 171 -12.71 18.89 -7.34
CA GLY A 171 -12.03 19.90 -6.54
C GLY A 171 -12.20 19.75 -5.03
N GLU A 172 -12.91 18.70 -4.58
CA GLU A 172 -13.06 18.41 -3.15
C GLU A 172 -11.71 18.35 -2.41
N ARG A 173 -11.57 19.11 -1.34
CA ARG A 173 -10.42 18.93 -0.48
C ARG A 173 -10.92 18.25 0.78
N LYS A 174 -10.39 17.06 1.03
CA LYS A 174 -10.59 16.36 2.28
C LYS A 174 -9.82 17.14 3.32
N LYS A 175 -10.44 17.41 4.46
CA LYS A 175 -9.80 18.25 5.44
C LYS A 175 -9.32 17.52 6.68
N THR A 176 -9.82 16.32 6.95
CA THR A 176 -9.26 15.53 8.03
C THR A 176 -8.73 14.18 7.51
N LEU A 177 -7.73 13.65 8.20
CA LEU A 177 -7.33 12.26 8.00
C LEU A 177 -7.24 11.69 9.38
N CYS A 178 -8.08 10.73 9.69
CA CYS A 178 -8.08 10.18 11.03
C CYS A 178 -7.30 8.86 11.08
N GLY A 179 -6.00 8.99 11.28
CA GLY A 179 -5.10 7.86 11.35
C GLY A 179 -3.75 8.49 11.22
N THR A 180 -2.69 7.71 11.39
CA THR A 180 -1.35 8.28 11.19
C THR A 180 -0.55 7.54 10.11
N PRO A 181 -0.65 8.00 8.86
CA PRO A 181 0.06 7.37 7.72
C PRO A 181 1.58 7.43 7.88
N ASN A 182 2.29 6.53 7.18
CA ASN A 182 3.74 6.44 7.30
C ASN A 182 4.41 7.58 6.52
N TYR A 183 4.15 7.61 5.23
CA TYR A 183 4.72 8.57 4.32
C TYR A 183 3.69 9.67 4.02
N ILE A 184 3.31 10.37 5.08
CA ILE A 184 2.28 11.41 5.07
C ILE A 184 2.70 12.73 4.37
N ALA A 185 1.88 13.15 3.41
CA ALA A 185 2.12 14.32 2.58
C ALA A 185 2.13 15.62 3.39
N PRO A 186 2.93 16.62 2.95
CA PRO A 186 3.07 17.87 3.71
C PRO A 186 1.75 18.60 3.94
N GLU A 187 0.88 18.57 2.94
CA GLU A 187 -0.42 19.24 3.00
C GLU A 187 -1.45 18.54 3.89
N VAL A 188 -1.12 17.36 4.41
CA VAL A 188 -1.94 16.73 5.44
C VAL A 188 -1.48 17.24 6.81
N LEU A 189 -0.17 17.39 6.98
CA LEU A 189 0.40 17.88 8.23
C LEU A 189 0.01 19.32 8.55
N SER A 190 -0.04 20.15 7.51
CA SER A 190 -0.31 21.57 7.69
C SER A 190 -1.80 21.84 7.67
N LYS A 191 -2.60 20.79 7.41
CA LYS A 191 -4.08 20.85 7.32
C LYS A 191 -4.51 21.91 6.32
N LYS A 192 -3.95 21.84 5.12
CA LYS A 192 -4.19 22.83 4.07
C LYS A 192 -5.31 22.38 3.11
N GLY A 193 -5.86 21.18 3.36
CA GLY A 193 -6.80 20.53 2.45
C GLY A 193 -6.04 19.57 1.52
N HIS A 194 -6.55 18.34 1.33
CA HIS A 194 -5.80 17.35 0.52
C HIS A 194 -6.65 16.46 -0.40
N SER A 195 -6.04 16.00 -1.48
CA SER A 195 -6.72 15.12 -2.43
C SER A 195 -5.70 14.12 -3.00
N PHE A 196 -5.95 13.59 -4.21
CA PHE A 196 -5.14 12.52 -4.82
C PHE A 196 -3.62 12.61 -4.71
N GLU A 197 -3.09 13.83 -4.59
CA GLU A 197 -1.64 14.04 -4.69
C GLU A 197 -0.93 13.44 -3.50
N VAL A 198 -1.70 13.16 -2.45
CA VAL A 198 -1.10 12.57 -1.27
C VAL A 198 -0.46 11.24 -1.65
N ASP A 199 -1.07 10.53 -2.60
CA ASP A 199 -0.62 9.22 -3.03
C ASP A 199 0.66 9.31 -3.90
N VAL A 200 0.75 10.35 -4.73
CA VAL A 200 1.94 10.60 -5.53
C VAL A 200 3.11 10.93 -4.61
N TRP A 201 2.86 11.72 -3.59
CA TRP A 201 3.88 12.04 -2.61
C TRP A 201 4.39 10.76 -2.00
N SER A 202 3.48 9.87 -1.63
CA SER A 202 3.85 8.61 -1.01
C SER A 202 4.70 7.74 -1.94
N ILE A 203 4.30 7.68 -3.21
CA ILE A 203 5.06 6.93 -4.19
C ILE A 203 6.43 7.57 -4.37
N GLY A 204 6.48 8.89 -4.24
CA GLY A 204 7.76 9.57 -4.06
C GLY A 204 8.66 8.92 -3.03
N CYS A 205 8.14 8.72 -1.82
CA CYS A 205 8.93 8.20 -0.69
C CYS A 205 9.27 6.73 -0.89
N ILE A 206 8.34 5.99 -1.50
CA ILE A 206 8.56 4.60 -1.81
C ILE A 206 9.70 4.45 -2.84
N MET A 207 9.65 5.23 -3.92
CA MET A 207 10.76 5.30 -4.85
C MET A 207 12.12 5.60 -4.12
N TYR A 208 12.13 6.62 -3.26
CA TYR A 208 13.31 6.95 -2.47
C TYR A 208 13.83 5.76 -1.67
N THR A 209 12.92 5.09 -0.95
CA THR A 209 13.28 3.97 -0.10
C THR A 209 13.80 2.79 -0.89
N LEU A 210 13.18 2.51 -2.04
CA LEU A 210 13.55 1.34 -2.84
C LEU A 210 14.95 1.52 -3.44
N LEU A 211 15.23 2.75 -3.87
CA LEU A 211 16.51 3.05 -4.47
C LEU A 211 17.62 3.34 -3.47
N VAL A 212 17.27 3.97 -2.34
CA VAL A 212 18.29 4.44 -1.42
C VAL A 212 18.53 3.43 -0.29
N GLY A 213 17.52 2.65 0.03
CA GLY A 213 17.63 1.67 1.13
C GLY A 213 17.25 2.19 2.50
N LYS A 214 16.80 3.45 2.57
CA LYS A 214 16.14 3.96 3.78
C LYS A 214 15.15 5.06 3.44
N PRO A 215 14.16 5.30 4.31
CA PRO A 215 13.14 6.36 4.12
C PRO A 215 13.71 7.77 3.95
N PRO A 216 13.08 8.62 3.12
CA PRO A 216 13.62 9.99 2.98
C PRO A 216 13.55 10.89 4.22
N PHE A 217 12.57 10.69 5.10
CA PHE A 217 12.45 11.59 6.24
C PHE A 217 12.40 10.76 7.51
N GLU A 218 13.50 10.11 7.86
CA GLU A 218 13.58 9.37 9.10
C GLU A 218 14.40 10.20 10.10
N THR A 219 13.86 10.31 11.33
CA THR A 219 14.62 10.74 12.50
C THR A 219 14.18 9.85 13.66
N SER A 220 14.63 10.16 14.88
CA SER A 220 14.21 9.38 16.04
C SER A 220 12.91 9.89 16.70
N CYS A 221 12.39 11.02 16.23
CA CYS A 221 11.15 11.58 16.72
C CYS A 221 10.22 11.87 15.58
N LEU A 222 9.04 11.24 15.61
CA LEU A 222 8.01 11.45 14.59
C LEU A 222 7.73 12.93 14.33
N LYS A 223 7.64 13.71 15.42
CA LYS A 223 7.40 15.14 15.28
C LYS A 223 8.55 15.86 14.58
N GLU A 224 9.81 15.42 14.78
CA GLU A 224 10.97 16.02 14.08
C GLU A 224 10.92 15.65 12.60
N THR A 225 10.58 14.39 12.35
CA THR A 225 10.26 13.88 11.03
C THR A 225 9.21 14.78 10.36
N TYR A 226 8.13 15.06 11.09
CA TYR A 226 7.04 15.89 10.56
C TYR A 226 7.54 17.26 10.19
N LEU A 227 8.48 17.76 10.97
CA LEU A 227 9.01 19.08 10.76
C LEU A 227 9.78 19.04 9.45
N ARG A 228 10.57 17.99 9.26
CA ARG A 228 11.30 17.77 8.02
C ARG A 228 10.38 17.67 6.82
N ILE A 229 9.34 16.86 6.92
CA ILE A 229 8.41 16.76 5.81
C ILE A 229 7.91 18.13 5.38
N LYS A 230 7.43 18.94 6.33
CA LYS A 230 6.82 20.24 6.00
C LYS A 230 7.78 21.19 5.28
N LYS A 231 9.04 21.15 5.70
CA LYS A 231 10.07 21.99 5.13
C LYS A 231 10.85 21.32 3.98
N ASN A 232 10.23 20.31 3.34
CA ASN A 232 10.85 19.52 2.26
C ASN A 232 12.30 19.11 2.51
N GLU A 233 12.62 18.92 3.79
CA GLU A 233 13.99 18.69 4.25
C GLU A 233 14.46 17.21 4.06
N TYR A 234 14.81 16.86 2.81
CA TYR A 234 15.44 15.56 2.48
C TYR A 234 16.64 15.73 1.52
N SER A 235 17.47 14.70 1.38
CA SER A 235 18.46 14.73 0.30
C SER A 235 18.84 13.37 -0.30
N ILE A 236 18.98 13.36 -1.62
CA ILE A 236 19.26 12.14 -2.36
C ILE A 236 20.78 11.92 -2.46
N PRO A 237 21.26 10.75 -2.02
CA PRO A 237 22.69 10.45 -2.15
C PRO A 237 23.18 10.50 -3.60
N LYS A 238 24.48 10.66 -3.77
CA LYS A 238 25.02 11.26 -4.98
C LYS A 238 25.12 10.23 -6.08
N HIS A 239 25.25 8.98 -5.66
CA HIS A 239 25.25 7.79 -6.54
C HIS A 239 23.91 7.50 -7.27
N ILE A 240 22.80 8.09 -6.82
CA ILE A 240 21.53 7.87 -7.50
C ILE A 240 21.55 8.55 -8.85
N ASN A 241 21.17 7.82 -9.88
CA ASN A 241 21.21 8.36 -11.21
C ASN A 241 20.34 9.60 -11.29
N PRO A 242 20.86 10.65 -11.96
CA PRO A 242 20.12 11.91 -12.08
C PRO A 242 18.68 11.80 -12.59
N VAL A 243 18.41 10.87 -13.49
CA VAL A 243 17.05 10.71 -14.05
C VAL A 243 16.08 10.21 -12.96
N ALA A 244 16.57 9.32 -12.09
CA ALA A 244 15.82 8.78 -10.96
C ALA A 244 15.61 9.87 -9.92
N ALA A 245 16.72 10.53 -9.58
CA ALA A 245 16.79 11.62 -8.63
C ALA A 245 15.81 12.69 -9.03
N SER A 246 15.58 12.78 -10.33
CA SER A 246 14.77 13.83 -10.90
C SER A 246 13.27 13.51 -10.76
N LEU A 247 12.96 12.22 -10.86
CA LEU A 247 11.59 11.76 -10.67
C LEU A 247 11.23 11.85 -9.16
N ILE A 248 12.08 11.27 -8.32
CA ILE A 248 11.95 11.50 -6.89
C ILE A 248 11.65 12.97 -6.55
N GLN A 249 12.48 13.91 -6.99
CA GLN A 249 12.23 15.33 -6.69
C GLN A 249 10.89 15.79 -7.23
N LYS A 250 10.60 15.54 -8.51
CA LYS A 250 9.31 15.99 -9.06
C LYS A 250 8.15 15.63 -8.11
N MET A 251 8.14 14.38 -7.65
CA MET A 251 7.12 13.86 -6.74
C MET A 251 7.21 14.37 -5.30
N LEU A 252 8.44 14.53 -4.80
CA LEU A 252 8.61 14.99 -3.44
C LEU A 252 8.69 16.49 -3.35
N GLN A 253 7.62 17.17 -3.74
CA GLN A 253 7.57 18.62 -3.63
C GLN A 253 6.48 19.08 -2.68
N THR A 254 6.75 20.16 -1.97
CA THR A 254 5.85 20.67 -0.94
C THR A 254 4.49 21.08 -1.49
N ASP A 255 4.50 21.64 -2.69
CA ASP A 255 3.33 22.15 -3.37
C ASP A 255 2.69 21.01 -4.18
N PRO A 256 1.51 20.51 -3.75
CA PRO A 256 0.81 19.39 -4.40
C PRO A 256 0.39 19.61 -5.87
N THR A 257 0.00 20.84 -6.24
CA THR A 257 -0.23 21.19 -7.67
C THR A 257 0.96 20.86 -8.60
N ALA A 258 2.20 20.90 -8.07
CA ALA A 258 3.43 20.79 -8.86
C ALA A 258 3.96 19.36 -9.08
N ARG A 259 3.34 18.37 -8.44
CA ARG A 259 3.80 16.98 -8.53
C ARG A 259 3.16 16.35 -9.75
N PRO A 260 3.83 15.38 -10.38
CA PRO A 260 3.10 14.73 -11.49
C PRO A 260 1.77 14.12 -11.01
N THR A 261 0.81 13.90 -11.91
CA THR A 261 -0.36 13.12 -11.55
C THR A 261 -0.08 11.67 -11.84
N ILE A 262 -0.76 10.80 -11.11
CA ILE A 262 -0.53 9.39 -11.26
C ILE A 262 -0.44 8.94 -12.75
N ASN A 263 -1.11 9.65 -13.64
CA ASN A 263 -1.08 9.27 -15.07
C ASN A 263 0.14 9.77 -15.82
N GLU A 264 0.80 10.80 -15.30
CA GLU A 264 2.00 11.34 -15.89
C GLU A 264 3.21 10.44 -15.64
N LEU A 265 3.11 9.49 -14.72
CA LEU A 265 4.32 8.89 -14.14
C LEU A 265 5.03 7.86 -14.99
N LEU A 266 4.28 6.94 -15.61
CA LEU A 266 4.88 5.86 -16.40
C LEU A 266 5.51 6.43 -17.68
N ASN A 267 5.07 7.62 -18.07
CA ASN A 267 5.63 8.35 -19.18
C ASN A 267 6.98 8.99 -18.85
N ASP A 268 7.38 8.91 -17.59
CA ASP A 268 8.63 9.56 -17.14
C ASP A 268 9.85 8.83 -17.69
N GLU A 269 10.88 9.60 -17.98
CA GLU A 269 12.12 9.10 -18.54
C GLU A 269 12.73 7.97 -17.70
N PHE A 270 12.52 8.03 -16.39
CA PHE A 270 12.91 6.94 -15.52
C PHE A 270 12.41 5.59 -16.02
N PHE A 271 11.17 5.54 -16.51
CA PHE A 271 10.62 4.26 -16.98
C PHE A 271 10.92 4.01 -18.46
N THR A 272 10.81 5.06 -19.28
CA THR A 272 10.81 4.87 -20.73
C THR A 272 12.19 4.68 -21.33
N SER A 273 13.22 5.04 -20.58
CA SER A 273 14.57 4.97 -21.08
C SER A 273 15.46 4.08 -20.25
N GLY A 274 14.82 3.28 -19.40
CA GLY A 274 15.49 2.27 -18.62
C GLY A 274 14.87 0.92 -18.92
N TYR A 275 15.59 -0.11 -18.51
CA TYR A 275 15.14 -1.47 -18.64
C TYR A 275 14.13 -1.82 -17.55
N ILE A 276 12.98 -2.36 -17.94
CA ILE A 276 11.97 -2.85 -17.01
C ILE A 276 11.71 -4.34 -17.26
N PRO A 277 12.23 -5.19 -16.37
CA PRO A 277 12.03 -6.61 -16.54
C PRO A 277 10.54 -6.94 -16.67
N ALA A 278 10.23 -7.96 -17.47
CA ALA A 278 8.87 -8.43 -17.64
C ALA A 278 8.42 -9.17 -16.38
N ARG A 279 9.39 -9.73 -15.66
CA ARG A 279 9.12 -10.52 -14.48
C ARG A 279 10.40 -10.67 -13.61
N LEU A 280 10.23 -10.96 -12.33
CA LEU A 280 11.37 -11.15 -11.45
C LEU A 280 11.38 -12.58 -10.92
N PRO A 281 12.55 -13.19 -10.79
CA PRO A 281 12.64 -14.50 -10.12
C PRO A 281 12.57 -14.42 -8.60
N ILE A 282 12.06 -15.48 -7.99
CA ILE A 282 12.08 -15.69 -6.54
C ILE A 282 13.44 -15.42 -5.85
N THR A 283 14.55 -15.74 -6.54
CA THR A 283 15.90 -15.45 -6.00
C THR A 283 16.04 -13.99 -5.61
N CYS A 284 15.31 -13.13 -6.32
CA CYS A 284 15.51 -11.71 -6.20
C CYS A 284 14.91 -11.22 -4.88
N LEU A 285 14.25 -12.14 -4.17
CA LEU A 285 13.81 -11.86 -2.81
C LEU A 285 15.01 -11.75 -1.86
N THR A 286 16.13 -12.38 -2.22
CA THR A 286 17.28 -12.48 -1.33
C THR A 286 18.62 -12.21 -1.97
N ILE A 287 18.68 -12.30 -3.30
CA ILE A 287 19.91 -12.07 -4.08
C ILE A 287 19.73 -10.90 -5.05
N PRO A 288 20.67 -9.94 -5.09
CA PRO A 288 20.52 -8.89 -6.12
C PRO A 288 20.61 -9.47 -7.56
N PRO A 289 19.60 -9.33 -8.38
CA PRO A 289 19.58 -9.91 -9.73
C PRO A 289 20.53 -9.15 -10.65
CAA NMM A 290 29.68 -8.94 -9.98
NH2 NMM A 290 28.24 -8.80 -10.26
CZ NMM A 290 27.60 -8.61 -11.44
NH1 NMM A 290 28.28 -8.53 -12.57
NE NMM A 290 26.27 -8.50 -11.51
CD NMM A 290 25.24 -8.53 -10.47
CG NMM A 290 24.14 -9.50 -10.88
CB NMM A 290 23.57 -9.19 -12.27
CA NMM A 290 22.20 -9.10 -12.36
C NMM A 290 21.51 -8.91 -13.62
O NMM A 290 21.29 -7.76 -14.03
N NMM A 290 21.31 -9.83 -11.45
N PHE A 291 20.53 -9.61 -14.07
CA PHE A 291 19.87 -9.51 -15.39
C PHE A 291 20.86 -9.80 -16.54
N SER A 292 21.57 -10.92 -16.41
CA SER A 292 22.56 -11.27 -17.41
C SER A 292 21.89 -11.66 -18.72
N ILE A 293 22.61 -11.44 -19.80
CA ILE A 293 22.07 -11.74 -21.11
C ILE A 293 21.90 -13.24 -21.41
N ALA A 294 22.72 -14.10 -20.82
CA ALA A 294 22.42 -15.55 -20.74
C ALA A 294 23.16 -16.20 -19.58
N1 071 B . -2.06 -11.52 1.88
C2 071 B . -1.14 -11.36 2.87
N3 071 B . -1.38 -10.47 3.86
C4 071 B . -3.17 -10.75 1.87
C5 071 B . -3.42 -9.82 2.89
C6 071 B . -2.52 -9.72 3.93
C7 071 B . -4.16 -7.51 3.22
C8 071 B . -4.66 -8.93 2.92
C9 071 B . -3.62 -7.65 4.65
C10 071 B . -2.60 -8.66 4.96
N11 071 B . -1.87 -8.39 6.04
N12 071 B . -2.31 -7.13 6.57
C13 071 B . -3.27 -6.68 5.71
C14 071 B . -4.07 -5.41 5.84
N15 071 B . -3.51 -4.40 6.50
O16 071 B . -5.18 -5.27 5.34
C17 071 B . -0.79 -9.06 6.79
N18 071 B . 0.00 -12.11 2.86
C19 071 B . 1.01 -11.96 3.77
C20 071 B . 1.38 -10.74 4.33
C21 071 B . 2.41 -10.67 5.26
C22 071 B . 3.07 -11.84 5.61
C23 071 B . 2.72 -13.06 5.07
C24 071 B . 1.70 -13.11 4.15
O25 071 B . 1.35 -14.31 3.59
C26 071 B . 2.22 -15.42 3.81
N30 071 B . 2.82 -9.46 5.89
C31 071 B . 3.04 -8.31 5.03
C32 071 B . 3.07 -7.01 5.82
N33 071 B . 3.84 -7.17 7.04
C34 071 B . 3.63 -8.33 7.89
C35 071 B . 3.69 -9.62 7.07
C36 071 B . 4.16 -5.92 7.72
ZN ZN C . -11.45 10.12 14.22
O1 TLA D . -10.31 10.36 15.75
O11 TLA D . -10.58 8.21 16.08
C1 TLA D . -10.43 9.37 16.52
C2 TLA D . -10.40 9.59 18.01
O2 TLA D . -9.30 8.89 18.60
C3 TLA D . -11.71 9.13 18.66
O3 TLA D . -11.77 7.70 18.54
C4 TLA D . -11.81 9.48 20.11
O4 TLA D . -11.08 10.36 20.61
O41 TLA D . -12.65 8.84 20.80
#